data_6BY7
#
_entry.id   6BY7
#
loop_
_entity.id
_entity.type
_entity.pdbx_description
1 polymer 'DNA (52-MER)'
2 polymer 'DNA (55-MER)'
3 polymer "DNA (5'-D(*AP*AP*TP*AP*AP*CP*GP*GP*CP*TP*CP*AP*GP*AP*GP*C)-3')"
4 polymer 'DNA (59-MER)'
5 polymer 'DNA (51-MER)'
6 polymer 'DNA (46-MER)'
7 polymer "DNA (5'-D(*TP*CP*AP*AP*CP*CP*GP*AP*GP*CP*TP*TP*GP*CP*TP*T)-3')"
8 polymer 'DNA (48-MER)'
9 polymer 'DNA (47-MER)'
10 polymer "DNA (5'-D(*TP*AP*TP*TP*AP*GP*CP*GP*AP*GP*AP*TP*GP*GP*TP*TP*TP*TP*AP*TP*TP*AP*CP*A)-3')"
11 polymer 'DNA (46-MER)'
12 polymer "DNA (5'-D(*CP*GP*AP*CP*AP*GP*AP*AP*TP*GP*AP*AP*AP*GP*AP*G)-3')"
13 polymer 'DNA (32-MER)'
14 polymer 'DNA (40-MER)'
15 polymer 'DNA (46-MER)'
16 polymer 'DNA (37-MER)'
17 polymer 'DNA (48-MER)'
18 polymer 'DNA (37-MER)'
19 polymer "DNA (5'-D(*CP*GP*CP*CP*AP*CP*CP*AP*GP*AP*TP*TP*CP*AP*TP*C)-3')"
20 polymer 'DNA (40-MER)'
21 polymer 'DNA (26-MER)'
22 polymer 'DNA (40-MER)'
23 polymer 'DNA (48-MER)'
24 polymer 'DNA (27-MER)'
25 polymer 'DNA (26-MER)'
26 polymer 'DNA (47-MER)'
27 polymer 'DNA (32-MER)'
28 polymer 'DNA (40-MER)'
29 polymer 'DNA (40-MER)'
30 polymer 'DNA (26-MER)'
31 polymer 'DNA (40-MER)'
32 polymer 'DNA (48-MER)'
33 polymer 'DNA (48-MER)'
34 polymer 'DNA (48-MER)'
35 polymer 'DNA (32-MER)'
36 polymer 'DNA (40-MER)'
37 polymer 'DNA (48-MER)'
38 polymer "DNA (5'-D(P*TP*CP*GP*AP*GP*GP*TP*GP*AP*TP*TP*CP*GP*CP*GP*T)-3')"
39 polymer 'DNA (56-MER)'
40 polymer 'DNA (40-MER)'
41 polymer 'DNA (40-MER)'
42 polymer 'DNA (48-MER)'
43 polymer 'DNA (32-MER)'
44 polymer 'DNA (32-MER)'
45 polymer 'DNA (32-MER)'
46 polymer 'DNA (48-MER)'
47 polymer "DNA (5'-D(P*CP*CP*CP*CP*CP*AP*GP*CP*TP*GP*GP*TP*CP*AP*TP*A)-3')"
48 polymer 'DNA (40-MER)'
49 polymer "DNA (5'-D(P*GP*AP*CP*AP*GP*AP*TP*GP*CP*GP*TP*GP*CP*CP*AP*G)-3')"
50 polymer 'DNA (48-MER)'
51 polymer 'DNA (40-MER)'
52 polymer 'DNA (48-MER)'
53 polymer 'DNA (40-MER)'
54 polymer 'DNA (29-MER)'
55 polymer "DNA (5'-D(P*CP*AP*TP*AP*AP*CP*GP*CP*AP*TP*AP*AP*AP*AP*CP*GP*AP*GP*GP*AP*GP*GP*TP*T)-3')"
56 polymer 'DNA (32-MER)'
57 polymer 'DNA (26-MER)'
58 polymer 'DNA (40-MER)'
59 polymer 'DNA (40-MER)'
60 polymer 'DNA (58-MER)'
61 polymer 'DNA (52-MER)'
62 polymer 'DNA (40-MER)'
63 polymer 'DNA (48-MER)'
64 polymer 'DNA (48-MER)'
65 polymer 'DNA (32-MER)'
66 polymer 'DNA (58-MER)'
67 polymer 'DNA (56-MER)'
68 polymer 'DNA (52-MER)'
69 polymer 'DNA (37-MER)'
70 polymer 'DNA (48-MER)'
71 polymer 'DNA (48-MER)'
72 polymer 'DNA (32-MER)'
73 polymer 'DNA (32-MER)'
74 polymer 'DNA (48-MER)'
75 polymer 'DNA (48-MER)'
76 polymer "DNA (5'-D(P*TP*TP*TP*GP*TP*TP*AP*AP*AP*AP*CP*CP*GP*AP*TP*A)-3')"
77 polymer 'DNA (32-MER)'
78 polymer 'DNA (32-MER)'
79 polymer 'DNA (40-MER)'
80 polymer "DNA (5'-D(P*CP*TP*GP*GP*CP*CP*TP*TP*CP*CP*TP*GP*TP*AP*GP*CP*CP*AP*AP*AP*AP*AP*TP*A)-3')"
81 polymer 'DNA (32-MER)'
82 polymer 'DNA (40-MER)'
83 polymer 'DNA (32-MER)'
84 polymer 'DNA (32-MER)'
85 polymer 'DNA (47-MER)'
86 polymer "DNA (5'-D(P*CP*CP*AP*GP*TP*GP*CP*CP*AP*AP*AP*TP*CP*CP*GP*C)-3')"
87 polymer 'DNA (40-MER)'
88 polymer 'DNA (48-MER)'
89 polymer 'DNA (48-MER)'
90 polymer 'DNA (48-MER)'
91 polymer 'DNA (56-MER)'
92 polymer 'DNA (56-MER)'
93 polymer 'DNA (32-MER)'
94 polymer 'DNA (48-MER)'
95 polymer 'DNA (37-MER)'
96 polymer 'DNA (55-MER)'
97 polymer 'DNA (48-MER)'
98 polymer 'DNA (38-MER)'
99 polymer 'DNA (32-MER)'
100 polymer 'DNA (4346-MER)'
101 polymer 'DNA (40-MER)'
102 polymer 'DNA (40-MER)'
103 polymer 'DNA (48-MER)'
104 polymer 'DNA (48-MER)'
105 polymer 'DNA (48-MER)'
106 polymer 'DNA (56-MER)'
107 polymer "DNA (5'-D(*GP*TP*GP*CP*CP*TP*AP*AP*GP*GP*AP*TP*AP*TP*TP*C)-3')"
108 polymer 'DNA (56-MER)'
109 polymer 'DNA (36-MER)'
110 polymer 'DNA (35-MER)'
111 polymer 'DNA (32-MER)'
112 polymer 'DNA (48-MER)'
113 polymer 'DNA (37-MER)'
114 polymer 'DNA (55-MER)'
115 polymer 'DNA (48-MER)'
116 polymer 'DNA (38-MER)'
117 polymer 'DNA (26-MER)'
118 polymer 'DNA (32-MER)'
#
loop_
_entity_poly.entity_id
_entity_poly.type
_entity_poly.pdbx_seq_one_letter_code
_entity_poly.pdbx_strand_id
1 'polydeoxyribonucleotide'
;(DA)(DA)(DA)(DG)(DG)(DT)(DG)(DG)(DA)(DA)(DA)(DG)(DA)(DA)(DC)(DT)(DC)(DA)(DA)(DG)
(DA)(DG)(DA)(DA)(DG)(DT)(DG)(DT)(DA)(DC)(DT)(DG)(DT)(DC)(DA)(DT)(DT)(DT)(DT)(DT)
(DA)(DG)(DA)(DT)(DT)(DA)(DA)(DG)(DA)(DG)(DG)(DA)
;
1A
2 'polydeoxyribonucleotide'
;(DT)(DT)(DG)(DG)(DT)(DG)(DG)(DT)(DG)(DG)(DA)(DT)(DG)(DT)(DT)(DA)(DG)(DC)(DA)(DA)
(DA)(DC)(DG)(DC)(DG)(DT)(DC)(DG)(DA)(DG)(DA)(DG)(DC)(DC)(DA)(DC)(DC)(DC)(DT)(DT)
(DG)(DA)(DA)(DA)(DA)(DG)(DG)(DT)(DT)(DA)(DA)(DG)(DC)(DA)(DA)
;
1B
3 'polydeoxyribonucleotide' (DA)(DA)(DT)(DA)(DA)(DC)(DG)(DG)(DC)(DT)(DC)(DA)(DG)(DA)(DG)(DC) 1C
4 'polydeoxyribonucleotide'
;(DT)(DT)(DG)(DG)(DT)(DG)(DG)(DT)(DG)(DG)(DG)(DA)(DA)(DA)(DA)(DT)(DT)(DC)(DA)(DT)
(DA)(DT)(DG)(DG)(DT)(DA)(DA)(DC)(DA)(DC)(DT)(DA)(DA)(DA)(DG)(DT)(DT)(DT)(DT)(DG)
(DA)(DA)(DG)(DC)(DC)(DT)(DT)(DA)(DA)(DG)(DA)(DT)(DT)(DC)(DA)(DA)(DA)(DA)(DG)
;
1D
5 'polydeoxyribonucleotide'
;(DA)(DG)(DA)(DA)(DA)(DC)(DG)(DC)(DA)(DA)(DA)(DG)(DG)(DC)(DG)(DA)(DC)(DA)(DT)(DG)
(DG)(DG)(DA)(DT)(DA)(DG)(DC)(DT)(DG)(DA)(DA)(DT)(DT)(DT)(DT)(DA)(DA)(DA)(DC)(DA)
(DT)(DT)(DA)(DG)(DT)(DC)(DA)(DA)(DA)(DT)(DC)
;
1E
6 'polydeoxyribonucleotide'
;(DT)(DT)(DG)(DG)(DT)(DG)(DG)(DA)(DA)(DA)(DG)(DG)(DT)(DG)(DA)(DA)(DT)(DT)(DA)(DT)
(DC)(DA)(DC)(DA)(DC)(DG)(DG)(DA)(DA)(DA)(DT)(DT)(DA)(DT)(DT)(DC)(DA)(DT)(DT)(DA)
(DA)(DA)(DA)(DC)(DA)(DG)
;
1F
7 'polydeoxyribonucleotide' (DT)(DC)(DA)(DA)(DC)(DC)(DG)(DA)(DG)(DC)(DT)(DT)(DG)(DC)(DT)(DT) 1G
8 'polydeoxyribonucleotide'
;(DA)(DA)(DA)(DT)(DA)(DT)(DT)(DG)(DC)(DG)(DT)(DC)(DA)(DC)(DC)(DG)(DT)(DG)(DA)(DT)
(DA)(DC)(DC)(DG)(DT)(DC)(DG)(DT)(DC)(DA)(DC)(DC)(DA)(DT)(DC)(DA)(DA)(DC)(DA)(DT)
(DC)(DG)(DT)(DA)(DA)(DC)(DC)(DG)
;
1H
9 'polydeoxyribonucleotide'
;(DT)(DT)(DG)(DG)(DT)(DG)(DG)(DT)(DG)(DG)(DT)(DG)(DG)(DT)(DG)(DC)(DG)(DG)(DA)(DA)
(DA)(DC)(DG)(DT)(DC)(DA)(DC)(DC)(DA)(DA)(DT)(DT)(DT)(DA)(DC)(DC)(DA)(DT)(DT)(DC)
(DG)(DA)(DA)(DA)(DG)(DA)(DG)
;
1I
10 'polydeoxyribonucleotide'
;(DT)(DA)(DT)(DT)(DA)(DG)(DC)(DG)(DA)(DG)(DA)(DT)(DG)(DG)(DT)(DT)(DT)(DT)(DA)(DT)
(DT)(DA)(DC)(DA)
;
1J
11 'polydeoxyribonucleotide'
;(DT)(DT)(DG)(DG)(DT)(DG)(DG)(DT)(DG)(DG)(DT)(DG)(DG)(DT)(DG)(DC)(DG)(DG)(DC)(DA)
(DT)(DT)(DT)(DA)(DC)(DC)(DG)(DC)(DC)(DT)(DC)(DC)(DC)(DT)(DA)(DA)(DA)(DA)(DA)(DA)
(DA)(DA)(DA)(DC)(DA)(DG)
;
1K
12 'polydeoxyribonucleotide' (DC)(DG)(DA)(DC)(DA)(DG)(DA)(DA)(DT)(DG)(DA)(DA)(DA)(DG)(DA)(DG) 1L
13 'polydeoxyribonucleotide'
;(DC)(DG)(DT)(DC)(DA)(DG)(DA)(DC)(DA)(DG)(DC)(DC)(DC)(DC)(DC)(DT)(DG)(DG)(DC)(DG)
(DC)(DA)(DT)(DA)(DG)(DC)(DC)(DC)(DT)(DG)(DA)(DC)
;
1M
14 'polydeoxyribonucleotide'
;(DA)(DC)(DC)(DG)(DC)(DC)(DA)(DC)(DC)(DA)(DG)(DA)(DG)(DC)(DC)(DA)(DG)(DA)(DA)(DC)
(DA)(DA)(DC)(DA)(DT)(DA)(DA)(DT)(DT)(DT)(DC)(DA)(DT)(DC)(DC)(DA)(DA)(DC)(DG)(DT)
;
1O
15 'polydeoxyribonucleotide'
;(DT)(DT)(DG)(DG)(DT)(DG)(DG)(DT)(DG)(DG)(DT)(DG)(DC)(DA)(DG)(DA)(DG)(DC)(DC)(DG)
(DC)(DC)(DA)(DC)(DT)(DT)(DA)(DT)(DT)(DA)(DC)(DG)(DC)(DA)(DG)(DT)(DA)(DA)(DA)(DA)
(DA)(DA)(DA)(DC)(DA)(DG)
;
1P
16 'polydeoxyribonucleotide'
;(DC)(DA)(DT)(DA)(DA)(DT)(DC)(DA)(DA)(DA)(DA)(DT)(DC)(DA)(DC)(DC)(DG)(DG)(DA)(DA)
(DC)(DC)(DC)(DT)(DC)(DA)(DG)(DA)(DG)(DA)(DC)(DC)(DA)(DG)(DA)(DG)(DC)
;
1Q
17 'polydeoxyribonucleotide'
;(DC)(DC)(DA)(DC)(DC)(DG)(DG)(DA)(DT)(DC)(DG)(DG)(DT)(DC)(DA)(DT)(DT)(DG)(DT)(DA)
(DG)(DC)(DG)(DC)(DG)(DT)(DC)(DA)(DA)(DT)(DC)(DA)(DT)(DA)(DC)(DA)(DA)(DC)(DG)(DG)
(DA)(DT)(DC)(DC)(DC)(DC)(DG)(DG)
;
1R
18 'polydeoxyribonucleotide'
;(DG)(DT)(DA)(DA)(DG)(DC)(DG)(DT)(DT)(DT)(DT)(DA)(DG)(DA)(DC)(DT)(DA)(DT)(DT)(DA)
(DT)(DA)(DG)(DT)(DC)(DA)(DG)(DA)(DA)(DG)(DC)(DA)(DA)(DA)(DG)(DC)(DG)
;
1S
19 'polydeoxyribonucleotide' (DC)(DG)(DC)(DC)(DA)(DC)(DC)(DA)(DG)(DA)(DT)(DT)(DC)(DA)(DT)(DC) 1T
20 'polydeoxyribonucleotide'
;(DG)(DA)(DG)(DG)(DC)(DA)(DG)(DG)(DT)(DG)(DG)(DA)(DA)(DA)(DG)(DC)(DC)(DG)(DT)(DC)
(DA)(DT)(DA)(DA)(DC)(DA)(DT)(DA)(DA)(DA)(DT)(DC)(DA)(DA)(DA)(DA)(DA)(DT)(DC)(DA)
;
1U
21 'polydeoxyribonucleotide'
;(DC)(DC)(DC)(DT)(DG)(DC)(DC)(DT)(DA)(DT)(DT)(DT)(DC)(DC)(DT)(DG)(DG)(DA)(DA)(DG)
(DT)(DT)(DT)(DC)(DA)(DT)
;
1V
22 'polydeoxyribonucleotide'
;(DT)(DG)(DA)(DT)(DG)(DA)(DT)(DA)(DC)(DA)(DG)(DG)(DA)(DG)(DG)(DA)(DT)(DT)(DA)(DG)
(DG)(DG)(DC)(DT)(DT)(DA)(DA)(DT)(DT)(DA)(DA)(DT)(DG)(DG)(DT)(DC)(DA)(DA)(DT)(DA)
;
1W
23 'polydeoxyribonucleotide'
;(DC)(DC)(DC)(DG)(DT)(DA)(DT)(DA)(DC)(DT)(DC)(DA)(DT)(DT)(DA)(DA)(DA)(DG)(DC)(DC)
(DA)(DG)(DA)(DA)(DT)(DC)(DA)(DG)(DA)(DC)(DG)(DA)(DA)(DG)(DA)(DC)(DG)(DA)(DC)(DG)
(DA)(DT)(DT)(DA)(DC)(DG)(DA)(DG)
;
1X
24 'polydeoxyribonucleotide'
;(DC)(DA)(DC)(DC)(DC)(DT)(DC)(DA)(DT)(DG)(DT)(DT)(DT)(DA)(DG)(DC)(DA)(DT)(DC)(DG)
(DG)(DT)(DT)(DG)(DT)(DA)(DC)
;
1Y
25 'polydeoxyribonucleotide'
;(DC)(DG)(DT)(DA)(DC)(DT)(DC)(DA)(DG)(DG)(DA)(DG)(DG)(DT)(DA)(DG)(DC)(DA)(DT)(DT)
(DA)(DA)(DC)(DA)(DT)(DC)
;
1Z
26 'polydeoxyribonucleotide'
;(DA)(DT)(DA)(DA)(DG)(DT)(DG)(DC)(DT)(DA)(DG)(DA)(DA)(DA)(DA)(DT)(DT)(DT)(DT)(DA)
(DT)(DT)(DT)(DT)(DG)(DT)(DC)(DA)(DC)(DA)(DA)(DT)(DC)(DA)(DA)(DT)(DA)(DA)(DA)(DA)
(DA)(DA)(DA)(DA)(DC)(DA)(DG)
;
1a
27 'polydeoxyribonucleotide'
;(DG)(DG)(DG)(DT)(DT)(DG)(DA)(DT)(DG)(DA)(DA)(DC)(DG)(DA)(DG)(DT)(DA)(DA)(DA)(DT)
(DA)(DT)(DG)(DC)(DA)(DA)(DC)(DT)(DA)(DA)(DA)(DG)
;
1b
28 'polydeoxyribonucleotide'
;(DT)(DT)(DA)(DG)(DT)(DA)(DA)(DA)(DA)(DA)(DG)(DC)(DC)(DC)(DA)(DA)(DA)(DA)(DA)(DG)
(DC)(DT)(DA)(DA)(DT)(DA)(DT)(DA)(DT)(DT)(DT)(DT)(DC)(DA)(DT)(DT)(DT)(DG)(DG)(DG)
;
1c
29 'polydeoxyribonucleotide'
;(DG)(DT)(DT)(DA)(DG)(DC)(DG)(DT)(DA)(DA)(DT)(DA)(DG)(DA)(DA)(DA)(DG)(DG)(DA)(DA)
(DC)(DA)(DA)(DC)(DT)(DG)(DA)(DA)(DA)(DA)(DT)(DC)(DT)(DA)(DT)(DT)(DT)(DA)(DA)(DA)
;
1d
30 'polydeoxyribonucleotide'
;(DA)(DT)(DT)(DC)(DC)(DA)(DC)(DA)(DG)(DA)(DC)(DA)(DG)(DT)(DT)(DT)(DA)(DG)(DA)(DA)
(DC)(DC)(DC)(DT)(DC)(DA)
;
1e
31 'polydeoxyribonucleotide'
;(DC)(DA)(DT)(DG)(DT)(DA)(DC)(DC)(DG)(DT)(DT)(DT)(DA)(DC)(DC)(DA)(DT)(DT)(DT)(DC)
(DA)(DA)(DC)(DA)(DG)(DC)(DC)(DT)(DT)(DT)(DA)(DA)(DA)(DG)(DC)(DC)(DC)(DC)(DA)(DA)
;
1f
32 'polydeoxyribonucleotide'
;(DT)(DT)(DG)(DT)(DA)(DT)(DC)(DG)(DA)(DA)(DA)(DC)(DA)(DG)(DC)(DT)(DA)(DC)(DT)(DT)
(DG)(DA)(DG)(DC)(DT)(DA)(DG)(DC)(DA)(DC)(DC)(DA)(DG)(DA)(DA)(DA)(DC)(DC)(DA)(DT)
(DA)(DA)(DA)(DC)(DA)(DA)(DA)(DG)
;
1g
33 'polydeoxyribonucleotide'
;(DC)(DA)(DA)(DA)(DA)(DG)(DG)(DA)(DG)(DT)(DT)(DT)(DC)(DA)(DG)(DC)(DA)(DT)(DC)(DG)
(DA)(DT)(DG)(DA)(DA)(DT)(DA)(DA)(DA)(DT)(DT)(DA)(DA)(DT)(DG)(DC)(DC)(DG)(DG)(DA)
(DT)(DG)(DT)(DA)(DG)(DG)(DT)(DA)
;
1h
34 'polydeoxyribonucleotide'
;(DA)(DA)(DT)(DA)(DA)(DT)(DT)(DT)(DT)(DT)(DT)(DC)(DA)(DC)(DG)(DT)(DT)(DA)(DA)(DA)
(DG)(DG)(DA)(DA)(DT)(DC)(DA)(DT)(DT)(DG)(DC)(DC)(DG)(DA)(DG)(DA)(DG)(DA)(DT)(DC)
(DT)(DA)(DC)(DA)(DA)(DA)(DG)(DG)
;
1i
35 'polydeoxyribonucleotide'
;(DC)(DG)(DA)(DA)(DA)(DG)(DA)(DC)(DA)(DT)(DC)(DA)(DC)(DC)(DA)(DG)(DC)(DA)(DT)(DT)
(DT)(DG)(DG)(DG)(DA)(DA)(DT)(DT)(DA)(DG)(DA)(DG)
;
1j
36 'polydeoxyribonucleotide'
;(DT)(DT)(DG)(DC)(DG)(DG)(DG)(DA)(DA)(DT)(DA)(DG)(DT)(DT)(DG)(DC)(DT)(DT)(DT)(DT)
(DT)(DT)(DA)(DA)(DA)(DA)(DA)(DC)(DA)(DG)(DG)(DA)(DA)(DG)(DA)(DT)(DT)(DG)(DT)(DA)
;
1k
37 'polydeoxyribonucleotide'
;(DT)(DA)(DT)(DT)(DC)(DG)(DG)(DT)(DC)(DG)(DC)(DT)(DG)(DA)(DG)(DG)(DC)(DC)(DA)(DC)
(DG)(DC)(DA)(DT)(DA)(DA)(DT)(DT)(DC)(DG)(DC)(DA)(DT)(DT)(DG)(DT)(DA)(DA)(DA)(DC)
(DG)(DT)(DT)(DA)(DA)(DT)(DA)(DT)
;
1l
38 'polydeoxyribonucleotide' (DT)(DC)(DG)(DA)(DG)(DG)(DT)(DG)(DA)(DT)(DT)(DC)(DG)(DC)(DG)(DT) 1m
39 'polydeoxyribonucleotide'
;(DA)(DA)(DT)(DT)(DT)(DC)(DT)(DT)(DG)(DT)(DT)(DT)(DA)(DT)(DC)(DA)(DT)(DT)(DG)(DA)
(DG)(DG)(DG)(DA)(DG)(DA)(DC)(DA)(DA)(DA)(DA)(DG)(DG)(DA)(DC)(DA)(DC)(DC)(DA)(DC)
(DA)(DG)(DA)(DG)(DC)(DC)(DA)(DC)(DG)(DC)(DT)(DC)(DA)(DG)(DT)(DA)
;
1n
40 'polydeoxyribonucleotide'
;(DT)(DG)(DA)(DC)(DA)(DA)(DC)(DA)(DA)(DC)(DC)(DA)(DT)(DC)(DG)(DC)(DC)(DT)(DT)(DG)
(DC)(DA)(DG)(DG)(DT)(DC)(DG)(DG)(DA)(DT)(DT)(DC)(DG)(DG)(DG)(DA)(DT)(DA)(DG)(DG)
;
1o
41 'polydeoxyribonucleotide'
;(DA)(DG)(DG)(DC)(DA)(DC)(DC)(DA)(DA)(DT)(DC)(DA)(DT)(DC)(DG)(DC)(DC)(DT)(DG)(DA)
(DT)(DA)(DA)(DA)(DC)(DT)(DT)(DA)(DG)(DC)(DC)(DG)(DG)(DA)(DA)(DG)(DC)(DA)(DT)(DA)
;
1p
42 'polydeoxyribonucleotide'
;(DG)(DT)(DA)(DA)(DA)(DA)(DT)(DA)(DC)(DG)(DT)(DA)(DA)(DT)(DG)(DC)(DA)(DG)(DT)(DT)
(DT)(DC)(DC)(DA)(DC)(DC)(DA)(DT)(DT)(DC)(DG)(DC)(DT)(DG)(DG)(DT)(DG)(DC)(DC)(DG)
(DG)(DA)(DA)(DA)(DC)(DC)(DA)(DG)
;
1q
43 'polydeoxyribonucleotide'
;(DG)(DG)(DC)(DT)(DT)(DT)(DG)(DA)(DA)(DA)(DG)(DG)(DG)(DC)(DG)(DA)(DT)(DC)(DG)(DC)
(DA)(DC)(DT)(DC)(DC)(DA)(DG)(DC)(DC)(DA)(DG)(DC)
;
1r
44 'polydeoxyribonucleotide'
;(DA)(DC)(DC)(DA)(DA)(DC)(DT)(DT)(DT)(DC)(DA)(DA)(DG)(DT)(DT)(DT)(DG)(DC)(DA)(DC)
(DC)(DG)(DT)(DA)(DA)(DT)(DC)(DA)(DG)(DT)(DA)(DG)
;
1s
45 'polydeoxyribonucleotide'
;(DT)(DA)(DA)(DG)(DG)(DG)(DA)(DA)(DT)(DC)(DC)(DG)(DC)(DT)(DC)(DA)(DC)(DC)(DG)(DC)
(DT)(DT)(DT)(DC)(DC)(DA)(DG)(DT)(DC)(DG)(DG)(DG)
;
1t
46 'polydeoxyribonucleotide'
;(DG)(DA)(DC)(DC)(DT)(DG)(DC)(DT)(DC)(DC)(DA)(DT)(DG)(DT)(DT)(DA)(DT)(DT)(DG)(DT)
(DG)(DT)(DC)(DG)(DA)(DA)(DG)(DC)(DT)(DT)(DG)(DC)(DC)(DG)(DT)(DT)(DG)(DT)(DA)(DA)
(DA)(DA)(DC)(DG)(DA)(DC)(DG)(DG)
;
1u
47 'polydeoxyribonucleotide' (DC)(DC)(DC)(DC)(DC)(DA)(DG)(DC)(DT)(DG)(DG)(DT)(DC)(DA)(DT)(DA) 1v
48 'polydeoxyribonucleotide'
;(DT)(DA)(DA)(DG)(DG)(DC)(DT)(DT)(DG)(DG)(DC)(DT)(DG)(DG)(DC)(DT)(DC)(DT)(DC)(DA)
(DC)(DT)(DG)(DC)(DC)(DA)(DA)(DT)(DT)(DC)(DC)(DA)(DC)(DA)(DC)(DA)(DA)(DC)(DA)(DT)
;
1w
49 'polydeoxyribonucleotide' (DG)(DA)(DC)(DA)(DG)(DA)(DT)(DG)(DC)(DG)(DT)(DG)(DC)(DC)(DA)(DG) 1x
50 'polydeoxyribonucleotide'
;(DA)(DA)(DT)(DC)(DT)(DT)(DG)(DA)(DT)(DA)(DA)(DC)(DA)(DA)(DA)(DG)(DG)(DG)(DG)(DT)
(DG)(DG)(DT)(DT)(DA)(DT)(DT)(DG)(DC)(DC)(DC)(DT)(DT)(DC)(DA)(DC)
;
2N
51 'polydeoxyribonucleotide'
;(DC)(DA)(DA)(DG)(DA)(DA)(DC)(DC)(DT)(DG)(DA)(DG)(DT)(DG)(DA)(DG)(DA)(DA)(DG)(DT)
(DG)(DT)(DA)(DA)(DA)(DG)(DC)(DC)(DT)(DG)(DG)(DG)
;
2A
52 'polydeoxyribonucleotide'
;(DG)(DG)(DT)(DA)(DG)(DA)(DA)(DA)(DG)(DA)(DA)(DC)(DC)(DA)(DC)(DC)(DC)(DC)(DA)(DC)
(DC)(DA)(DC)(DC)(DA)(DA)(DT)(DA)(DC)(DC)(DC)(DA)(DC)(DA)(DA)(DC)(DA)(DT)(DA)(DT)
(DG)(DG)(DG)(DG)(DT)(DT)(DT)(DT)
;
2B
53 'polydeoxyribonucleotide'
;(DT)(DA)(DA)(DA)(DT)(DT)(DG)(DG)(DG)(DC)(DT)(DT)(DG)(DT)(DT)(DT)(DG)(DC)(DC)(DA)
(DT)(DC)(DT)(DT)(DT)(DT)
;
2C
54 'polydeoxyribonucleotide'
;(DA)(DT)(DT)(DA)(DC)(DC)(DT)(DT)(DC)(DT)(DA)(DC)(DG)(DT)(DT)(DA)(DC)(DA)(DA)(DA)
(DA)(DG)(DG)(DA)(DA)(DT)(DA)(DA)(DA)(DA)(DA)(DC)
;
2D
55 'polydeoxyribonucleotide'
;(DT)(DT)(DT)(DT)(DG)(DC)(DA)(DA)(DT)(DC)(DA)(DA)(DC)(DT)(DA)(DA)(DT)(DG)(DC)(DA)
(DG)(DA)(DT)(DA)(DA)(DC)(DG)(DT)(DG)(DG)(DA)(DC)(DA)(DC)(DT)(DT)(DT)(DA)(DA)(DT)
;
2E
56 'polydeoxyribonucleotide'
;(DC)(DA)(DA)(DA)(DA)(DT)(DA)(DG)(DT)(DG)(DC)(DG)(DG)(DA)(DA)(DT)(DG)(DC)(DA)(DG)
(DT)(DC)(DT)(DC)(DG)(DG)(DG)(DT)(DC)(DA)(DG)(DT)(DA)(DA)(DG)(DT)(DA)(DT)(DT)(DA)
(DC)(DA)(DT)(DG)(DT)(DT)(DT)(DT)
;
2F
57 'polydeoxyribonucleotide'
;(DC)(DG)(DT)(DT)(DT)(DA)(DC)(DC)(DT)(DT)(DG)(DG)(DC)(DC)(DT)(DT)(DC)(DG)(DT)(DT)
(DG)(DG)(DG)(DA)(DA)(DG)(DA)(DA)(DA)(DA)(DA)(DT)(DA)(DT)(DG)(DC)(DG)(DA)(DT)(DT)
;
2G
58 'polydeoxyribonucleotide'
;(DA)(DT)(DC)(DA)(DT)(DA)(DA)(DC)(DC)(DC)(DT)(DC)(DC)(DT)(DC)(DA)(DA)(DA)(DT)(DA)
(DA)(DT)(DA)(DA)(DA)(DT)(DC)(DA)(DA)(DC)(DA)(DG)(DT)(DT)(DA)(DA)(DT)(DG)(DC)(DC)
;
2H
59 'polydeoxyribonucleotide' (DA)(DG)(DT)(DT)(DG)(DA)(DG)(DA)(DG)(DT)(DC)(DT)(DA)(DT)(DC)(DA) 2I
60 'polydeoxyribonucleotide'
;(DT)(DA)(DC)(DC)(DA)(DC)(DA)(DT)(DA)(DA)(DG)(DA)(DA)(DG)(DT)(DT)(DT)(DT)(DG)(DC)
(DC)(DA)(DG)(DA)(DG)(DG)(DG)(DG)(DG)
;
2J
61 'polydeoxyribonucleotide'
;(DC)(DA)(DT)(DA)(DA)(DC)(DG)(DC)(DA)(DT)(DA)(DA)(DA)(DA)(DC)(DG)(DA)(DG)(DG)(DA)
(DG)(DG)(DT)(DT)
;
2K
62 'polydeoxyribonucleotide'
;(DG)(DC)(DA)(DT)(DA)(DG)(DT)(DA)(DT)(DC)(DC)(DA)(DG)(DT)(DT)(DT)(DT)(DT)(DA)(DA)
(DG)(DA)(DA)(DC)(DA)(DA)(DT)(DC)(DA)(DA)(DC)(DG)
;
2L
63 'polydeoxyribonucleotide'
;(DT)(DT)(DA)(DA)(DA)(DC)(DA)(DG)(DT)(DT)(DC)(DG)(DC)(DG)(DA)(DA)(DC)(DC)(DA)(DG)
(DA)(DC)(DC)(DG)
;
2M
64 'polydeoxyribonucleotide'
;(DT)(DA)(DA)(DT)(DA)(DG)(DT)(DA)(DA)(DA)(DA)(DT)(DG)(DC)(DA)(DT)(DA)(DC)(DA)(DT)
(DG)(DG)(DC)(DT)(DT)(DT)
;
2O
65 'polydeoxyribonucleotide'
;(DG)(DG)(DA)(DT)(DA)(DG)(DC)(DG)(DT)(DC)(DC)(DA)(DA)(DT)(DA)(DC)(DC)(DG)(DA)(DG)
(DA)(DG)(DG)(DC)(DG)(DC)(DA)(DT)(DT)(DG)(DA)(DC)(DA)(DA)(DC)(DT)(DA)(DA)(DC)(DG)
;
2P
66 'polydeoxyribonucleotide'
;(DG)(DA)(DG)(DT)(DA)(DC)(DC)(DT)(DT)(DC)(DG)(DC)(DG)(DT)(DT)(DT)(DT)(DA)(DA)(DT)
(DT)(DC)(DG)(DA)(DG)(DC)(DT)(DT)(DC)(DA)(DA)(DA)(DA)(DG)(DA)(DA)(DA)(DA)(DC)(DG)
;
2Q
67 'polydeoxyribonucleotide'
;(DG)(DG)(DA)(DT)(DT)(DA)(DG)(DA)(DT)(DA)(DA)(DC)(DA)(DG)(DT)(DG)(DA)(DG)(DA)(DA)
(DT)(DG)(DA)(DC)(DA)(DT)(DA)(DT)(DT)(DC)(DA)(DT)(DT)(DG)(DA)(DA)(DT)(DC)(DC)(DC)
;
2R
68 'polydeoxyribonucleotide'
;(DG)(DA)(DA)(DG)(DC)(DA)(DA)(DA)(DC)(DT)(DC)(DC)(DA)(DA)(DC)(DA)(DG)(DG)(DT)(DC)
(DA)(DT)(DA)(DC)(DG)(DG)(DT)(DG)(DT)(DG)(DG)(DA)(DA)(DC)(DC)(DT)(DA)(DA)(DG)(DC)
(DC)(DC)(DG)(DG)(DA)(DA)(DT)(DA)(DG)(DG)(DT)(DG)(DT)(DA)(DT)(DC)(DA)(DC)
;
2S
69 'polydeoxyribonucleotide'
;(DG)(DA)(DT)(DT)(DG)(DC)(DA)(DT)(DC)(DA)(DA)(DA)(DA)(DG)(DC)(DG)(DG)(DA)(DT)(DG)
(DG)(DC)(DT)(DT)
;
2T
70 'polydeoxyribonucleotide'
;(DA)(DG)(DC)(DC)(DC)(DG)(DA)(DA)(DA)(DG)(DA)(DC)(DG)(DG)(DT)(DC)(DT)(DT)(DT)(DA)
(DT)(DT)(DT)(DT)(DA)(DA)(DC)(DG)(DT)(DG)(DA)(DA)(DT)(DT)(DT)(DA)(DT)(DA)(DA)(DG)
(DA)(DC)(DT)(DC)(DC)(DC)(DC)(DT)(DC)(DA)(DG)(DA)
;
2U
71 'polydeoxyribonucleotide'
;(DT)(DT)(DC)(DA)(DA)(DA)(DT)(DA)(DT)(DT)(DA)(DA)(DT)(DT)(DG)(DC)(DT)(DC)(DC)(DT)
(DT)(DT)(DT)(DG)(DT)(DA)(DG)(DC)(DT)(DC)(DA)(DA)(DA)(DG)(DA)(DG)(DG)(DC)(DT)(DG)
;
2V
72 'polydeoxyribonucleotide'
;(DA)(DT)(DT)(DT)(DC)(DG)(DC)(DA)(DG)(DC)(DT)(DG)(DA)(DA)(DT)(DA)(DT)(DA)(DA)(DT)
(DG)(DC)(DT)(DG)(DA)(DT)(DA)(DA)(DG)(DA)(DG)(DG)(DG)(DT)(DA)(DA)(DT)(DA)(DA)(DG)
(DC)(DC)(DC)(DT)(DG)(DA)(DC)(DT)
;
2W
73 'polydeoxyribonucleotide'
;(DT)(DT)(DA)(DG)(DA)(DT)(DA)(DC)(DC)(DC)(DA)(DG)(DG)(DC)(DG)(DG)(DA)(DG)(DA)(DC)
(DT)(DC)(DC)(DT)(DG)(DG)(DC)(DA)(DT)(DG)(DA)(DT)(DC)(DC)(DG)(DT)(DT)(DC)(DC)(DA)
(DC)(DG)(DC)(DC)(DG)(DC)(DC)(DA)
;
2X
74 'polydeoxyribonucleotide'
;(DA)(DG)(DA)(DT)(DT)(DT)(DA)(DG)(DT)(DT)(DT)(DG)(DA)(DC)(DC)(DA)(DG)(DC)(DG)(DC)
(DG)(DA)(DG)(DC)(DC)(DA)(DG)(DA)(DA)(DC)(DC)(DG)
;
2Y
75 'polydeoxyribonucleotide'
;(DA)(DA)(DT)(DT)(DC)(DT)(DG)(DC)(DA)(DT)(DA)(DA)(DG)(DT)(DA)(DT)(DT)(DT)(DA)(DT)
(DT)(DC)(DT)(DG)(DA)(DA)(DA)(DC)(DA)(DT)(DG)(DA)(DG)(DC)(DC)(DT)(DT)(DG)(DA)(DG)
;
2Z
76 'polydeoxyribonucleotide'
;(DT)(DC)(DC)(DA)(DT)(DA)(DT)(DA)(DA)(DC)(DA)(DG)(DT)(DT)(DG)(DA)(DT)(DT)(DC)(DC)
(DC)(DA)(DA)(DT)(DA)(DG)(DT)(DA)(DG)(DT)(DT)(DT)(DA)(DG)(DT)(DA)(DC)(DA)(DC)(DA)
(DA)(DA)(DC)(DT)(DA)(DC)(DA)(DA)(DC)(DG)(DC)(DC)(DT)(DG)(DT)(DA)(DG)(DC)
;
2a
77 'polydeoxyribonucleotide'
;(DT)(DA)(DA)(DA)(DG)(DC)(DC)(DT)(DT)(DT)(DG)(DC)(DG)(DG)(DG)(DA)(DG)(DT)(DC)(DG)
(DT)(DC)(DT)(DT)(DT)(DC)(DT)(DA)(DG)(DC)(DT)(DG)(DA)(DC)(DG)(DG)(DT)(DA)(DA)(DT)
(DC)(DG)(DT)(DA)(DA)(DA)(DA)(DC)(DA)(DT)(DC)(DA)(DG)(DA)(DA)(DA)
;
2b
78 'polydeoxyribonucleotide'
;(DC)(DA)(DA)(DT)(DA)(DA)(DA)(DT)(DC)(DA)(DT)(DA)(DC)(DA)(DG)(DG)(DC)(DA)(DA)(DG)
(DG)(DT)(DA)(DA)(DA)(DA)(DA)(DT)(DT)(DC)(DC)(DC)(DT)(DC)(DA)(DT)(DA)(DC)(DT)(DA)
(DT)(DT)(DT)(DT)(DT)
;
2c
79 'polydeoxyribonucleotide'
;(DG)(DG)(DT)(DG)(DA)(DG)(DA)(DA)(DA)(DG)(DG)(DC)(DT)(DC)(DA)(DA)(DC)(DC)(DG)(DT)
(DT)(DC)(DC)(DA)(DG)(DA)(DC)(DG)(DT)(DA)(DA)(DA)(DC)(DA)(DA)(DC)(DG)(DC)(DG)(DC)
(DC)(DA)(DA)(DA)(DG)(DG)(DG)(DA)(DA)(DG)(DG)(DT)
;
2d
80 'polydeoxyribonucleotide'
;(DT)(DA)(DT)(DA)(DT)(DT)(DT)(DT)(DA)(DA)(DA)(DT)(DG)(DC)(DA)(DA)(DT)(DG)(DC)(DC)
(DT)(DG)(DA)(DG)(DT)(DA)(DA)(DT)(DG)(DG)(DA)(DG)(DG)(DG)(DT)(DA)(DG)
;
2e
81 'polydeoxyribonucleotide'
;(DT)(DA)(DA)(DT)(DA)(DC)(DT)(DT)(DC)(DA)(DG)(DA)(DG)(DC)(DA)(DT)(DT)(DA)(DG)(DG)
(DA)(DA)(DC)(DC)(DC)(DC)(DA)(DC)(DC)(DC)(DT)(DC)(DG)(DG)(DA)(DA)(DT)(DA)(DA)(DG)
(DA)(DC)(DA)(DT)(DA)(DC)(DA)(DT)
;
2f
82 'polydeoxyribonucleotide'
;(DT)(DA)(DT)(DT)(DT)(DC)(DA)(DA)(DC)(DG)(DC)(DA)(DA)(DG)(DG)(DA)(DC)(DA)(DA)(DA)
(DG)(DA)(DA)(DT)(DT)(DC)(DA)(DC)(DC)(DA)(DG)(DT)(DC)(DG)(DC)(DC)(DA)(DC)(DC)(DC)
(DT)(DC)(DA)(DG)(DA)(DA)(DC)(DC)
;
2g
83 'polydeoxyribonucleotide'
;(DA)(DC)(DA)(DA)(DG)(DA)(DG)(DA)(DG)(DG)(DA)(DG)(DT)(DG)(DA)(DG)(DA)(DA)(DC)(DG)
(DA)(DT)(DC)(DT)(DG)(DA)(DG)(DT)(DT)(DT)(DC)(DG)(DT)(DA)(DG)(DC)(DA)(DA)(DA)(DA)
(DT)(DG)(DG)(DC)(DA)(DT)(DC)(DA)(DA)(DT)(DT)(DC)(DT)(DA)(DC)(DT)
;
2h
84 'polydeoxyribonucleotide'
;(DT)(DG)(DA)(DG)(DA)(DG)(DT)(DC)(DT)(DG)(DG)(DA)(DG)(DC)(DA)(DA)(DT)(DA)(DA)(DG)
(DC)(DA)(DA)(DA)(DT)(DC)(DC)(DA)(DA)(DA)(DA)(DA)
;
2i
85 'polydeoxyribonucleotide' (DC)(DT)(DA)(DT)(DC)(DA)(DG)(DG)(DT)(DT)(DG)(DC)(DG)(DA)(DA)(DT) 2j
86 'polydeoxyribonucleotide'
;(DA)(DC)(DC)(DA)(DT)(DC)(DA)(DA)(DT)(DA)(DT)(DG)(DA)(DT)(DA)(DT)(DC)(DG)(DG)(DA)
(DG)(DA)(DC)(DA)(DT)(DG)(DA)(DC)(DC)(DC)(DT)(DG)
;
2k
87 'polydeoxyribonucleotide'
;(DC)(DC)(DA)(DA)(DT)(DA)(DG)(DG)(DA)(DA)(DC)(DG)(DC)(DC)(DA)(DT)(DC)(DA)(DG)(DC)
(DT)(DT)(DT)(DC)(DC)(DT)(DC)(DA)(DG)(DC)(DA)(DG)(DG)(DC)(DT)(DA)(DC)(DA)(DG)(DA)
(DG)(DC)(DA)(DA)(DA)(DA)(DG)(DA)
;
2l
88 'polydeoxyribonucleotide'
;(DT)(DT)(DA)(DA)(DA)(DT)(DT)(DT)(DT)(DT)(DG)(DT)(DT)(DA)(DA)(DA)(DA)(DC)(DA)(DA)
(DC)(DC)(DC)(DG)(DG)(DA)(DG)(DT)(DT)(DA)(DA)(DA)(DC)(DA)(DT)(DG)(DA)(DG)(DG)(DA)
(DC)(DA)(DC)(DT)(DA)(DC)(DG)(DA)
;
2m
89 'polydeoxyribonucleotide' (DT)(DT)(DT)(DG)(DT)(DT)(DA)(DA)(DA)(DA)(DC)(DC)(DG)(DA)(DT)(DA) 2n
90 'polydeoxyribonucleotide'
;(DT)(DG)(DT)(DA)(DC)(DC)(DC)(DC)(DG)(DG)(DT)(DT)(DG)(DA)(DT)(DA)(DT)(DA)(DG)(DC)
(DA)(DT)(DG)(DT)(DG)(DA)(DT)(DT)(DT)(DT)(DG)(DC)
;
2o
91 'polydeoxyribonucleotide'
;(DT)(DG)(DC)(DA)(DT)(DC)(DT)(DG)(DC)(DA)(DG)(DG)(DA)(DA)(DG)(DA)(DT)(DC)(DG)(DG)
(DT)(DG)(DC)(DG)(DG)(DG)(DC)(DC)(DT)(DC)(DT)(DT)
;
2p
92 'polydeoxyribonucleotide'
;(DT)(DC)(DA)(DC)(DG)(DT)(DT)(DG)(DA)(DC)(DC)(DG)(DC)(DT)(DT)(DC)(DC)(DA)(DT)(DT)
(DC)(DA)(DG)(DG)(DC)(DT)(DG)(DC)(DG)(DC)(DA)(DA)(DG)(DT)(DT)(DT)(DT)(DC)(DC)(DC)
;
2q
93 'polydeoxyribonucleotide'
;(DC)(DT)(DG)(DG)(DC)(DC)(DT)(DT)(DC)(DC)(DT)(DG)(DT)(DA)(DG)(DC)(DC)(DA)(DA)(DA)
(DA)(DA)(DT)(DA)
;
2r
94 'polydeoxyribonucleotide'
;(DA)(DG)(DC)(DG)(DA)(DG)(DT)(DA)(DT)(DC)(DA)(DG)(DC)(DT)(DC)(DA)(DG)(DC)(DC)(DG)
(DA)(DC)(DA)(DA)(DA)(DA)(DA)(DG)(DG)(DC)(DT)(DC)
;
2s
95 'polydeoxyribonucleotide'
;(DG)(DC)(DA)(DA)(DA)(DG)(DC)(DG)(DT)(DT)(DA)(DA)(DA)(DC)(DG)(DG)(DA)(DC)(DC)(DG)
(DT)(DA)(DA)(DT)(DT)(DC)(DC)(DG)(DT)(DG)(DG)(DG)(DA)(DA)(DC)(DA)(DA)(DA)(DC)(DG)
;
2t
96 'polydeoxyribonucleotide'
;(DA)(DC)(DG)(DA)(DC)(DA)(DG)(DT)(DA)(DT)(DC)(DG)(DG)(DC)(DC)(DT)(DC)(DC)(DA)(DG)
(DT)(DT)(DT)(DG)(DT)(DA)(DG)(DC)(DA)(DA)(DC)(DG)
;
2u
97 'polydeoxyribonucleotide'
;(DT)(DT)(DT)(DC)(DC)(DG)(DG)(DC)(DG)(DT)(DG)(DT)(DA)(DG)(DA)(DT)(DG)(DA)(DC)(DT)
(DT)(DT)(DT)(DT)(DG)(DG)(DC)(DC)(DG)(DC)(DT)(DT)
;
2v
98 'polydeoxyribonucleotide'
;(DT)(DC)(DT)(DA)(DG)(DA)(DG)(DG)(DA)(DG)(DA)(DT)(DT)(DT)(DG)(DT)(DA)(DC)(DC)(DT)
(DA)(DA)(DA)(DA)(DA)(DG)(DC)(DA)(DA)(DG)(DG)(DC)(DA)(DA)(DA)(DA)(DA)(DA)(DA)(DA)
(DA)(DA)(DA)(DA)(DC)(DA)(DG)
;
2w
99 'polydeoxyribonucleotide' (DC)(DC)(DA)(DG)(DT)(DG)(DC)(DC)(DA)(DA)(DA)(DT)(DC)(DC)(DG)(DC) 2x
100 'polydeoxyribonucleotide'
;(DT)(DG)(DA)(DT)(DA)(DG)(DA)(DC)(DG)(DG)(DT)(DT)(DT)(DT)(DT)(DC)(DG)(DC)(DC)(DC)
(DT)(DT)(DT)(DG)(DA)(DC)(DG)(DT)(DT)(DG)(DG)(DA)(DG)(DT)(DC)(DC)(DA)(DC)(DG)(DT)
(DT)(DC)(DT)(DT)(DT)(DA)(DA)(DT)(DA)(DG)(DT)(DG)(DG)(DA)(DC)(DT)(DC)(DT)(DT)(DG)
(DT)(DT)(DC)(DC)(DA)(DA)(DA)(DC)(DT)(DG)(DG)(DA)(DA)(DC)(DA)(DA)(DC)(DA)(DC)(DT)
(DC)(DA)(DA)(DA)(DA)(DA)(DT)(DA)(DT)(DC)(DT)(DC)(DG)(DG)(DG)(DC)(DT)(DA)(DT)(DT)
(DC)(DT)(DT)(DT)(DT)(DG)(DA)(DT)(DT)(DT)(DA)(DT)(DA)(DA)(DG)(DG)(DG)(DA)(DT)(DT)
(DT)(DT)(DG)(DC)(DC)(DG)(DA)(DT)(DT)(DT)(DC)(DG)(DG)(DA)(DA)(DC)(DC)(DA)(DC)(DC)
(DA)(DT)(DC)(DA)(DA)(DA)(DC)(DA)(DG)(DG)(DA)(DT)(DT)(DT)(DT)(DC)(DG)(DC)(DC)(DT)
(DG)(DC)(DT)(DG)(DG)(DG)(DG)(DC)(DA)(DA)(DA)(DC)(DC)(DA)(DG)(DC)(DG)(DT)(DG)(DG)
(DA)(DC)(DC)(DG)(DC)(DT)(DT)(DG)(DC)(DT)(DG)(DC)(DA)(DA)(DC)(DT)(DC)(DT)(DC)(DT)
(DC)(DA)(DG)(DG)(DG)(DC)(DC)(DA)(DG)(DG)(DC)(DG)(DG)(DT)(DG)(DA)(DA)(DG)(DG)(DG)
(DC)(DA)(DA)(DT)(DC)(DA)(DG)(DC)(DT)(DG)(DT)(DT)(DG)(DC)(DC)(DC)(DG)(DT)(DC)(DT)
(DC)(DA)(DC)(DT)(DG)(DG)(DT)(DG)(DA)(DA)(DA)(DA)(DG)(DA)(DA)(DA)(DA)(DA)(DC)(DC)
(DA)(DC)(DC)(DC)(DT)(DG)(DG)(DC)(DG)(DC)(DC)(DC)(DA)(DA)(DT)(DA)(DC)(DG)(DC)(DA)
(DA)(DA)(DC)(DC)(DG)(DC)(DC)(DT)(DC)(DT)(DC)(DC)(DC)(DC)(DG)(DC)(DG)(DC)(DG)(DT)
(DT)(DG)(DG)(DC)(DC)(DG)(DA)(DT)(DT)(DC)(DA)(DT)(DT)(DA)(DA)(DT)(DG)(DC)(DA)(DG)
(DC)(DT)(DG)(DG)(DC)(DA)(DC)(DG)(DA)(DC)(DA)(DG)(DG)(DT)(DT)(DT)(DC)(DC)(DC)(DG)
(DA)(DC)(DT)(DG)(DG)(DA)(DA)(DA)(DG)(DC)(DG)(DG)(DG)(DC)(DA)(DG)(DT)(DG)(DA)(DG)
(DC)(DG)(DC)(DA)(DA)(DC)(DG)(DC)(DA)(DA)(DT)(DT)(DA)(DA)(DT)(DG)(DT)(DG)(DA)(DG)
(DT)(DT)(DA)(DG)(DC)(DT)(DC)(DA)(DC)(DT)(DC)(DA)(DT)(DT)(DA)(DG)(DG)(DC)(DA)(DC)
(DC)(DC)(DC)(DA)(DG)(DG)(DC)(DT)(DT)(DT)(DA)(DC)(DA)(DC)(DT)(DT)(DT)(DA)(DT)(DG)
(DC)(DT)(DT)(DC)(DC)(DG)(DG)(DC)(DT)(DC)(DG)(DT)(DA)(DT)(DG)(DT)(DT)(DG)(DT)(DG)
(DT)(DG)(DG)(DA)(DA)(DT)(DT)(DG)(DT)(DG)(DA)(DG)(DC)(DG)(DG)(DA)(DT)(DA)(DA)(DC)
(DA)(DA)(DT)(DT)(DT)(DC)(DA)(DC)(DA)(DC)(DA)(DG)(DG)(DA)(DA)(DA)(DC)(DA)(DG)(DC)
(DT)(DA)(DT)(DG)(DA)(DC)(DC)(DA)(DT)(DG)(DA)(DT)(DT)(DA)(DC)(DG)(DA)(DA)(DT)(DT)
(DC)(DG)(DA)(DG)(DC)(DT)(DC)(DG)(DG)(DT)(DA)(DC)(DC)(DC)(DG)(DG)(DG)(DG)(DA)(DT)
(DC)(DC)(DT)(DC)(DT)(DA)(DG)(DA)(DG)(DT)(DC)(DG)(DA)(DC)(DC)(DT)(DG)(DC)(DA)(DG)
(DG)(DC)(DA)(DT)(DG)(DC)(DA)(DA)(DG)(DC)(DT)(DT)(DG)(DG)(DC)(DA)(DC)(DT)(DG)(DG)
(DC)(DC)(DG)(DT)(DC)(DG)(DT)(DT)(DT)(DT)(DA)(DC)(DA)(DA)(DC)(DG)(DT)(DC)(DG)(DT)
(DG)(DA)(DC)(DT)(DG)(DG)(DG)(DA)(DA)(DA)(DA)(DC)(DC)(DC)(DT)(DG)(DG)(DC)(DG)(DT)
(DT)(DA)(DC)(DC)(DC)(DA)(DA)(DC)(DT)(DT)(DA)(DA)(DT)(DC)(DG)(DC)(DC)(DT)(DT)(DG)
(DC)(DA)(DG)(DC)(DA)(DC)(DA)(DT)(DC)(DC)(DC)(DC)(DC)(DT)(DT)(DT)(DC)(DG)(DC)(DC)
(DT)(DA)(DA)(DT)(DA)(DG)(DC)(DG)(DA)(DA)(DG)(DA)(DG)(DG)(DC)(DC)(DC)(DG)(DC)(DA)
(DC)(DC)(DG)(DA)(DT)(DC)(DG)(DC)(DC)(DC)(DT)(DT)(DC)(DC)(DC)(DA)(DA)(DC)(DA)(DG)
(DT)(DT)(DG)(DC)(DG)(DC)(DA)(DG)(DC)(DC)(DT)(DG)(DA)(DA)(DT)(DG)(DG)(DC)(DG)(DA)
(DA)(DT)(DG)(DG)(DC)(DG)(DC)(DT)(DT)(DT)(DG)(DC)(DC)(DT)(DG)(DG)(DT)(DT)(DT)(DC)
(DC)(DG)(DG)(DC)(DA)(DC)(DC)(DA)(DG)(DA)(DA)(DG)(DC)(DG)(DG)(DT)(DG)(DC)(DC)(DG)
(DG)(DA)(DA)(DA)(DG)(DC)(DT)(DG)(DG)(DC)(DT)(DG)(DG)(DA)(DG)(DT)(DG)(DC)(DG)(DA)
(DT)(DC)(DT)(DT)(DC)(DC)(DT)(DG)(DA)(DG)(DG)(DC)(DC)(DG)(DA)(DT)(DA)(DC)(DT)(DG)
(DT)(DC)(DG)(DT)(DC)(DG)(DT)(DC)(DC)(DC)(DC)(DT)(DC)(DA)(DA)(DA)(DC)(DT)(DG)(DG)
(DC)(DA)(DG)(DA)(DT)(DG)(DC)(DA)(DC)(DG)(DG)(DT)(DT)(DA)(DC)(DG)(DA)(DT)(DG)(DC)
(DG)(DC)(DC)(DC)(DA)(DT)(DC)(DT)(DA)(DC)(DA)(DC)(DC)(DA)(DA)(DC)(DG)(DT)(DG)(DA)
(DC)(DC)(DT)(DA)(DT)(DC)(DC)(DC)(DA)(DT)(DT)(DA)(DC)(DG)(DG)(DT)(DC)(DG)(DT)(DT)
(DT)(DG)(DT)(DT)(DC)(DC)(DC)(DA)(DC)(DG)(DG)(DA)(DG)(DA)(DA)(DT)(DC)(DC)(DG)(DA)
(DC)(DG)(DG)(DG)(DT)(DT)(DG)(DT)(DT)(DA)(DC)(DT)(DC)(DG)(DC)(DT)(DC)(DA)(DC)(DA)
(DT)(DT)(DT)(DA)(DA)(DT)(DG)(DT)(DT)(DG)(DA)(DT)(DG)(DA)(DA)(DA)(DG)(DC)(DT)(DG)
(DG)(DC)(DT)(DA)(DC)(DA)(DG)(DG)(DA)(DA)(DG)(DG)(DC)(DC)(DA)(DG)(DA)(DC)(DG)(DC)
(DG)(DA)(DA)(DT)(DT)(DA)(DT)(DT)(DT)(DT)(DT)(DG)(DA)(DT)(DG)(DG)(DC)(DG)(DT)(DT)
(DC)(DC)(DT)(DA)(DT)(DT)(DG)(DG)(DT)(DT)(DA)(DA)(DA)(DA)(DA)(DA)(DT)(DG)(DA)(DG)
(DC)(DT)(DG)(DA)(DT)(DT)(DT)(DA)(DA)(DC)(DA)(DA)(DA)(DA)(DA)(DT)(DT)(DT)(DA)(DA)
(DT)(DG)(DC)(DG)(DA)(DA)(DT)(DT)(DT)(DT)(DA)(DA)(DC)(DA)(DA)(DA)(DA)(DT)(DA)(DT)
(DT)(DA)(DA)(DC)(DG)(DT)(DT)(DT)(DA)(DC)(DA)(DA)(DT)(DT)(DT)(DA)(DA)(DA)(DT)(DA)
(DT)(DT)(DT)(DG)(DC)(DT)(DT)(DA)(DT)(DA)(DC)(DA)(DA)(DT)(DC)(DT)(DT)(DC)(DC)(DT)
(DG)(DT)(DT)(DT)(DT)(DT)(DG)(DG)(DG)(DG)(DC)(DT)(DT)(DT)(DT)(DC)(DT)(DG)(DA)(DT)
(DT)(DA)(DT)(DC)(DA)(DA)(DC)(DC)(DG)(DG)(DG)(DG)(DT)(DA)(DC)(DA)(DA)(DC)(DA)(DT)
(DG)(DC)(DT)(DA)(DG)(DT)(DT)(DT)(DT)(DA)(DC)(DG)(DA)(DT)(DT)(DA)(DC)(DC)(DG)(DT)
(DT)(DC)(DA)(DT)(DC)(DG)(DA)(DT)(DT)(DC)(DT)(DC)(DT)(DT)(DG)(DT)(DT)(DT)(DG)(DC)
(DT)(DC)(DC)(DA)(DG)(DA)(DC)(DT)(DC)(DT)(DC)(DA)(DG)(DG)(DC)(DA)(DA)(DT)(DG)(DA)
(DC)(DC)(DT)(DG)(DA)(DT)(DA)(DG)(DC)(DC)(DT)(DT)(DT)(DG)(DT)(DA)(DG)(DA)(DT)(DC)
(DT)(DC)(DT)(DC)(DA)(DA)(DA)(DA)(DA)(DT)(DA)(DG)(DC)(DT)(DA)(DC)(DC)(DC)(DT)(DC)
(DT)(DC)(DC)(DG)(DG)(DC)(DA)(DT)(DT)(DA)(DA)(DT)(DT)(DT)(DA)(DT)(DC)(DA)(DG)(DC)
(DT)(DA)(DG)(DA)(DA)(DC)(DG)(DG)(DT)(DT)(DG)(DA)(DA)(DT)(DA)(DT)(DC)(DA)(DT)(DA)
(DT)(DT)(DG)(DA)(DT)(DG)(DG)(DT)(DG)(DA)(DT)(DT)(DT)(DG)(DA)(DC)(DT)(DG)(DT)(DC)
(DT)(DC)(DC)(DG)(DG)(DC)(DC)(DT)(DT)(DT)(DC)(DT)(DC)(DA)(DC)(DC)(DC)(DT)(DT)(DT)
(DT)(DG)(DA)(DA)(DT)(DC)(DT)(DT)(DT)(DA)(DC)(DC)(DT)(DA)(DC)(DA)(DC)(DA)(DT)(DT)
(DA)(DC)(DT)(DC)(DA)(DG)(DG)(DC)(DA)(DT)(DT)(DG)(DC)(DA)(DT)(DT)(DT)(DA)(DA)(DA)
(DA)(DT)(DA)(DT)(DA)(DT)(DG)(DA)(DG)(DG)(DG)(DT)(DT)(DC)(DT)(DA)(DA)(DA)(DA)(DA)
(DT)(DT)(DT)(DT)(DT)(DA)(DT)(DC)(DC)(DT)(DT)(DG)(DC)(DG)(DT)(DT)(DG)(DA)(DA)(DA)
(DT)(DA)(DA)(DA)(DG)(DG)(DC)(DT)(DT)(DC)(DT)(DC)(DC)(DC)(DG)(DC)(DA)(DA)(DA)(DA)
(DG)(DT)(DA)(DT)(DT)(DA)(DC)(DA)(DG)(DG)(DG)(DT)(DC)(DA)(DT)(DA)(DA)(DT)(DG)(DT)
(DT)(DT)(DA)(DA)(DA)(DG)(DT)(DA)(DC)(DA)(DA)(DC)(DC)(DG)(DA)(DT)(DT)(DT)(DA)(DG)
(DC)(DT)(DT)(DT)(DA)(DT)(DG)(DC)(DT)(DC)(DT)(DG)(DA)(DG)(DG)(DC)(DT)(DT)(DT)(DA)
(DT)(DT)(DG)(DC)(DT)(DT)(DA)(DA)(DT)(DT)(DT)(DT)(DG)(DC)(DT)(DA)(DA)(DT)(DT)(DC)
(DT)(DT)(DT)(DG)(DC)(DC)(DT)(DT)(DG)(DC)(DC)(DT)(DG)(DT)(DA)(DT)(DG)(DA)(DT)(DT)
(DT)(DA)(DT)(DT)(DG)(DG)(DA)(DT)(DG)(DT)(DT)(DA)(DA)(DT)(DG)(DC)(DT)(DA)(DC)(DT)
(DA)(DC)(DT)(DA)(DT)(DT)(DA)(DG)(DT)(DA)(DG)(DA)(DA)(DT)(DT)(DG)(DA)(DT)(DG)(DC)
(DC)(DA)(DC)(DC)(DT)(DT)(DT)(DT)(DC)(DA)(DG)(DC)(DT)(DC)(DG)(DC)(DG)(DC)(DC)(DC)
(DC)(DA)(DA)(DA)(DT)(DG)(DA)(DA)(DA)(DA)(DT)(DA)(DT)(DA)(DG)(DC)(DT)(DA)(DA)(DA)
(DC)(DA)(DA)(DA)(DA)(DT)(DA)(DT)(DT)(DG)(DA)(DC)(DC)(DA)(DT)(DT)(DT)(DG)(DC)(DG)
(DA)(DA)(DA)(DT)(DG)(DT)(DA)(DT)(DC)(DT)(DA)(DA)(DT)(DG)(DG)(DT)(DC)(DA)(DA)(DA)
(DC)(DT)(DA)(DA)(DA)(DT)(DC)(DT)(DA)(DC)(DT)(DC)(DG)(DT)(DT)(DC)(DG)(DC)(DA)(DG)
(DA)(DA)(DT)(DT)(DG)(DG)(DG)(DA)(DA)(DT)(DC)(DA)(DA)(DC)(DT)(DG)(DT)(DT)(DA)(DT)
(DA)(DT)(DG)(DG)(DA)(DA)(DT)(DG)(DA)(DA)(DA)(DC)(DT)(DT)(DC)(DC)(DA)(DG)(DA)(DC)
(DA)(DC)(DC)(DG)(DT)(DA)(DC)(DT)(DT)(DT)(DA)(DG)(DT)(DT)(DG)(DC)(DA)(DT)(DA)(DT)
(DT)(DT)(DA)(DA)(DA)(DA)(DC)(DA)(DT)(DG)(DT)(DT)(DG)(DA)(DG)(DC)(DT)(DA)(DC)(DA)
(DG)(DC)(DA)(DT)(DT)(DA)(DT)(DA)(DT)(DT)(DC)(DA)(DG)(DC)(DA)(DA)(DT)(DT)(DA)(DA)
(DG)(DC)(DA)(DA)(DA)(DA)(DA)(DG)(DC)(DC)(DA)(DT)(DC)(DC)(DG)(DC)(DA)(DA)(DA)(DA)
(DA)(DT)(DG)(DA)(DC)(DC)(DT)(DC)(DT)(DT)(DA)(DT)(DC)(DA)(DA)(DA)(DA)(DG)(DG)(DA)
(DG)(DC)(DA)(DA)(DT)(DT)(DA)(DA)(DA)(DG)(DG)(DT)(DA)(DC)(DT)(DC)(DT)(DC)(DT)(DA)
(DA)(DT)(DC)(DC)(DT)(DG)(DA)(DC)(DC)(DT)(DG)(DT)(DT)(DG)(DG)(DA)(DG)(DT)(DT)(DT)
(DG)(DC)(DT)(DT)(DC)(DC)(DG)(DG)(DT)(DC)(DT)(DG)(DG)(DT)(DT)(DC)(DG)(DC)(DT)(DT)
(DT)(DG)(DA)(DA)(DG)(DC)(DT)(DC)(DG)(DA)(DA)(DT)(DT)(DA)(DA)(DA)(DA)(DC)(DG)(DC)
(DG)(DA)(DT)(DA)(DT)(DT)(DT)(DG)(DA)(DA)(DG)(DT)(DC)(DT)(DT)(DT)(DC)(DG)(DG)(DG)
(DC)(DT)(DT)(DC)(DC)(DT)(DC)(DT)(DT)(DA)(DA)(DT)(DC)(DT)(DT)(DT)(DT)(DT)(DG)(DA)
(DT)(DG)(DC)(DA)(DA)(DT)(DC)(DC)(DG)(DC)(DT)(DT)(DT)(DG)(DC)(DT)(DT)(DC)(DT)(DG)
(DA)(DC)(DT)(DA)(DT)(DA)(DA)(DT)(DA)(DG)(DT)(DC)(DA)(DG)(DG)(DG)(DT)(DA)(DA)(DA)
(DG)(DA)(DC)(DC)(DT)(DG)(DA)(DT)(DT)(DT)(DT)(DT)(DG)(DA)(DT)(DT)(DT)(DA)(DT)(DG)
(DG)(DT)(DC)(DA)(DT)(DT)(DC)(DT)(DC)(DG)(DT)(DT)(DT)(DT)(DC)(DT)(DG)(DA)(DA)(DC)
(DT)(DG)(DT)(DT)(DT)(DA)(DA)(DA)(DA)(DA)(DA)(DT)(DT)(DT)(DG)(DA)(DG)(DG)(DG)(DG)
(DG)(DA)(DT)(DT)(DC)(DA)(DA)(DT)(DG)(DA)(DA)(DT)(DA)(DT)(DT)(DT)(DA)(DT)(DG)(DA)
(DC)(DG)(DA)(DT)(DT)(DC)(DC)(DG)(DC)(DA)(DG)(DT)(DA)(DT)(DT)(DG)(DG)(DA)(DC)(DG)
(DC)(DT)(DA)(DT)(DC)(DC)(DA)(DG)(DT)(DC)(DT)(DA)(DA)(DA)(DC)(DA)(DT)(DT)(DT)(DT)
(DA)(DC)(DT)(DA)(DT)(DT)(DA)(DC)(DC)(DC)(DC)(DC)(DT)(DC)(DT)(DG)(DG)(DC)(DA)(DA)
(DA)(DA)(DC)(DT)(DT)(DC)(DT)(DT)(DT)(DT)(DG)(DC)(DA)(DA)(DA)(DA)(DG)(DC)(DC)(DT)
(DC)(DT)(DC)(DG)(DC)(DT)(DA)(DT)(DT)(DT)(DT)(DG)(DG)(DT)(DT)(DT)(DT)(DT)(DA)(DT)
(DC)(DG)(DT)(DC)(DG)(DT)(DC)(DT)(DG)(DG)(DT)(DA)(DA)(DA)(DC)(DG)(DA)(DG)(DG)(DG)
(DT)(DT)(DA)(DT)(DG)(DA)(DT)(DA)(DA)(DA)(DG)(DT)(DT)(DG)(DC)(DT)(DC)(DT)(DT)(DA)
(DC)(DT)(DA)(DT)(DG)(DC)(DC)(DT)(DC)(DG)(DT)(DA)(DA)(DT)(DT)(DC)(DC)(DT)(DT)(DT)
(DT)(DG)(DG)(DC)(DG)(DT)(DT)(DA)(DT)(DG)(DT)(DA)(DT)(DC)(DT)(DG)(DC)(DA)(DT)(DT)
(DA)(DG)(DT)(DT)(DG)(DA)(DA)(DT)(DG)(DT)(DG)(DG)(DT)(DA)(DT)(DT)(DC)(DC)(DT)(DA)
(DA)(DA)(DT)(DC)(DT)(DC)(DA)(DA)(DC)(DT)(DG)(DA)(DT)(DG)(DA)(DA)(DT)(DC)(DT)(DT)
(DT)(DC)(DT)(DA)(DC)(DC)(DT)(DG)(DT)(DA)(DA)(DT)(DA)(DA)(DT)(DG)(DT)(DT)(DG)(DT)
(DT)(DC)(DC)(DG)(DT)(DT)(DA)(DG)(DT)(DT)(DC)(DG)(DT)(DT)(DT)(DT)(DA)(DT)(DT)(DA)
(DA)(DC)(DG)(DT)(DA)(DG)(DA)(DT)(DT)(DT)(DT)(DT)(DC)(DT)(DT)(DC)(DC)(DC)(DA)(DA)
(DC)(DG)(DT)(DC)(DC)(DT)(DG)(DA)(DC)(DT)(DA)(DA)(DA)(DA)(DT)(DA)(DA)(DT)(DG)(DA)
(DG)(DC)(DC)(DA)(DG)(DT)(DT)(DC)(DT)(DT)(DA)(DA)(DA)(DA)(DT)(DC)(DG)(DC)(DA)(DT)
(DA)(DA)(DG)(DG)(DT)(DA)(DA)(DT)(DT)(DC)(DA)(DC)(DA)(DA)(DT)(DG)(DA)(DT)(DT)(DA)
(DA)(DA)(DG)(DT)(DT)(DG)(DA)(DA)(DA)(DT)(DT)(DA)(DA)(DA)(DC)(DC)(DA)(DT)(DC)(DT)
(DC)(DA)(DA)(DG)(DC)(DC)(DC)(DA)(DA)(DT)(DT)(DT)(DA)(DC)(DT)(DA)(DC)(DT)(DC)(DG)
(DT)(DT)(DC)(DT)(DG)(DG)(DT)(DG)(DT)(DT)(DT)(DC)(DT)(DC)(DG)(DT)(DC)(DA)(DG)(DG)
(DG)(DC)(DA)(DA)(DG)(DC)(DC)(DT)(DT)(DA)(DT)(DT)(DC)(DA)(DC)(DT)(DG)(DA)(DA)(DT)
(DG)(DA)(DG)(DC)(DA)(DG)(DC)(DT)(DT)(DT)(DG)(DT)(DT)(DA)(DC)(DG)(DT)(DT)(DG)(DA)
(DT)(DT)(DT)(DG)(DG)(DG)(DT)(DA)(DA)(DT)(DG)(DA)(DA)(DT)(DA)(DT)(DC)(DC)(DG)(DG)
(DT)(DT)(DC)(DT)(DT)(DG)(DT)(DC)(DA)(DA)(DG)(DA)(DT)(DT)(DA)(DC)(DT)(DC)(DT)(DT)
(DG)(DA)(DT)(DG)(DA)(DA)(DG)(DG)(DT)(DC)(DA)(DG)(DC)(DC)(DA)(DG)(DC)(DC)(DT)(DA)
(DT)(DG)(DC)(DG)(DC)(DC)(DT)(DG)(DG)(DT)(DC)(DT)(DG)(DT)(DA)(DC)(DA)(DC)(DC)(DG)
(DT)(DT)(DC)(DA)(DT)(DC)(DT)(DG)(DT)(DC)(DC)(DT)(DC)(DT)(DT)(DT)(DC)(DA)(DA)(DA)
(DG)(DT)(DT)(DG)(DG)(DT)(DC)(DA)(DG)(DT)(DT)(DC)(DG)(DG)(DT)(DT)(DC)(DC)(DC)(DT)
(DT)(DA)(DT)(DG)(DA)(DT)(DT)(DG)(DA)(DC)(DC)(DG)(DT)(DC)(DT)(DG)(DC)(DG)(DC)(DC)
(DT)(DC)(DG)(DT)(DT)(DC)(DC)(DG)(DG)(DC)(DT)(DA)(DA)(DG)(DT)(DA)(DA)(DC)(DA)(DT)
(DG)(DG)(DA)(DG)(DC)(DA)(DG)(DG)(DT)(DC)(DG)(DC)(DG)(DG)(DA)(DT)(DT)(DT)(DC)(DG)
(DA)(DC)(DA)(DC)(DA)(DA)(DT)(DT)(DT)(DA)(DT)(DC)(DA)(DG)(DG)(DC)(DG)(DA)(DT)(DG)
(DA)(DT)(DA)(DC)(DA)(DA)(DA)(DT)(DC)(DT)(DC)(DC)(DG)(DT)(DT)(DG)(DT)(DA)(DC)(DT)
(DT)(DT)(DG)(DT)(DT)(DT)(DC)(DG)(DC)(DG)(DC)(DT)(DT)(DG)(DG)(DT)(DA)(DT)(DA)(DA)
(DT)(DC)(DG)(DC)(DT)(DG)(DG)(DG)(DG)(DG)(DG)(DA)(DG)(DT)(DG)(DT)(DT)(DT)(DT)(DA)
(DG)(DT)(DG)(DT)(DA)(DT)(DT)(DC)(DT)(DT)(DT)(DT)(DG)(DC)(DC)(DT)(DC)(DT)(DT)(DT)
(DC)(DG)(DT)(DT)(DT)(DT)(DA)(DG)(DG)(DT)(DT)(DG)(DG)(DT)(DG)(DC)(DC)(DT)(DT)(DC)
(DG)(DT)(DA)(DG)(DT)(DG)(DG)(DC)(DA)(DT)(DT)(DA)(DC)(DG)(DT)(DA)(DT)(DT)(DT)(DT)
(DA)(DC)(DC)(DC)(DG)(DT)(DT)(DT)(DA)(DA)(DT)(DG)(DG)(DA)(DA)(DA)(DC)(DT)(DT)(DC)
(DC)(DT)(DC)(DA)(DT)(DG)(DA)(DA)(DA)(DA)(DA)(DG)(DT)(DC)(DT)(DT)(DT)(DA)(DG)(DT)
(DC)(DC)(DT)(DC)(DA)(DA)(DA)(DG)(DC)(DC)(DT)(DC)(DT)(DG)(DT)(DA)(DG)(DC)(DC)(DG)
(DT)(DT)(DG)(DC)(DT)(DA)(DC)(DC)(DC)(DT)(DC)(DG)(DT)(DT)(DC)(DC)(DG)(DA)(DT)(DG)
(DC)(DT)(DG)(DT)(DC)(DT)(DT)(DT)(DC)(DG)(DC)(DT)(DG)(DC)(DT)(DG)(DA)(DG)(DG)(DG)
(DT)(DG)(DA)(DC)(DG)(DA)(DT)(DC)(DC)(DC)(DG)(DC)(DA)(DA)(DA)(DA)(DG)(DC)(DG)(DG)
(DC)(DC)(DT)(DT)(DT)(DA)(DA)(DC)(DT)(DC)(DC)(DC)(DT)(DG)(DC)(DA)(DA)(DG)(DC)(DC)
(DT)(DC)(DA)(DG)(DC)(DG)(DA)(DC)(DC)(DG)(DA)(DA)(DT)(DA)(DT)(DA)(DT)(DC)(DG)(DG)
(DT)(DT)(DA)(DT)(DG)(DC)(DG)(DT)(DG)(DG)(DG)(DC)(DG)(DA)(DT)(DG)(DG)(DT)(DT)(DG)
(DT)(DT)(DG)(DT)(DC)(DA)(DT)(DT)(DG)(DT)(DC)(DG)(DG)(DC)(DG)(DC)(DA)(DA)(DC)(DT)
(DA)(DT)(DC)(DG)(DG)(DT)(DA)(DT)(DC)(DA)(DA)(DG)(DC)(DT)(DG)(DT)(DT)(DT)(DA)(DA)
(DG)(DA)(DA)(DA)(DT)(DT)(DC)(DA)(DC)(DC)(DT)(DC)(DG)(DA)(DA)(DA)(DG)(DC)(DA)(DA)
(DG)(DC)(DT)(DG)(DA)(DT)(DA)(DA)(DA)(DC)(DC)(DG)(DA)(DT)(DA)(DC)(DA)(DA)(DT)(DT)
(DA)(DA)(DA)(DG)(DG)(DC)(DT)(DC)(DC)(DT)(DT)(DT)(DT)(DG)(DG)(DA)(DG)(DC)(DC)(DT)
(DT)(DT)(DT)(DT)(DT)(DT)(DT)(DG)(DG)(DA)(DG)(DA)(DT)(DT)(DT)(DT)(DC)(DA)(DA)(DC)
(DG)(DT)(DG)(DA)(DA)(DA)(DA)(DA)(DA)(DT)(DT)(DA)(DT)(DT)(DA)(DT)(DT)(DC)(DG)(DC)
(DA)(DA)(DT)(DT)(DC)(DC)(DT)(DT)(DT)(DA)(DG)(DT)(DT)(DG)(DT)(DT)(DC)(DC)(DT)(DT)
(DT)(DC)(DT)(DA)(DT)(DT)(DC)(DT)(DC)(DA)(DC)(DT)(DC)(DC)(DG)(DC)(DT)(DG)(DA)(DA)
(DA)(DC)(DT)(DG)(DT)(DT)(DG)(DA)(DA)(DA)(DG)(DT)(DT)(DG)(DT)(DT)(DT)(DA)(DG)(DC)
(DA)(DA)(DA)(DA)(DT)(DC)(DA)(DA)(DA)(DA)(DT)(DT)(DC)(DA)(DT)(DT)(DT)(DA)(DC)(DT)
(DA)(DA)(DC)(DG)(DT)(DC)(DT)(DG)(DG)(DA)(DA)(DA)(DG)(DA)(DC)(DG)(DA)(DC)(DA)(DA)
(DA)(DA)(DC)(DT)(DT)(DT)(DA)(DG)(DA)(DT)(DC)(DG)(DT)(DT)(DA)(DC)(DG)(DC)(DT)(DA)
(DA)(DC)(DT)(DA)(DT)(DG)(DA)(DG)(DG)(DG)(DC)(DT)(DG)(DT)(DC)(DT)(DG)(DT)(DG)(DG)
(DA)(DA)(DT)(DG)(DC)(DT)(DA)(DC)(DA)(DG)(DG)(DC)(DG)(DT)(DT)(DG)(DT)(DA)(DG)(DT)
(DT)(DT)(DG)(DT)(DA)(DC)(DT)(DG)(DG)(DT)(DG)(DA)(DC)(DG)(DA)(DA)(DA)(DC)(DT)(DC)
(DA)(DG)(DT)(DG)(DT)(DT)(DA)(DC)(DG)(DG)(DT)(DA)(DC)(DA)(DT)(DG)(DG)(DG)(DT)(DT)
(DC)(DC)(DT)(DA)(DT)(DT)(DG)(DG)(DG)(DC)(DT)(DT)(DG)(DC)(DT)(DA)(DT)(DC)(DC)(DC)
(DT)(DG)(DA)(DG)(DG)(DG)(DT)(DG)(DG)(DT)(DG)(DG)(DC)(DT)(DC)(DT)(DG)(DA)(DG)(DG)
(DG)(DT)(DG)(DG)(DC)(DG)(DG)(DT)(DT)(DC)(DT)(DG)(DA)(DG)(DG)(DG)(DT)(DG)(DG)(DC)
(DG)(DG)(DT)(DT)(DC)(DT)(DG)(DA)(DG)(DG)(DG)(DT)(DG)(DG)(DC)(DG)(DG)(DT)(DA)(DC)
(DT)(DA)(DA)(DA)(DC)(DC)(DT)(DC)(DC)(DT)(DG)(DA)(DG)(DT)(DA)(DC)(DG)(DG)(DT)(DG)
(DA)(DT)(DA)(DC)(DA)(DC)(DC)(DT)(DA)(DT)(DT)(DC)(DC)(DG)(DG)(DG)(DC)(DT)(DA)(DT)
(DA)(DC)(DT)(DT)(DA)(DT)(DA)(DT)(DC)(DA)(DA)(DC)(DC)(DC)(DT)(DC)(DT)(DC)(DG)(DA)
(DC)(DG)(DG)(DC)(DA)(DC)(DT)(DT)(DA)(DT)(DC)(DC)(DG)(DC)(DC)(DT)(DG)(DG)(DT)(DA)
(DC)(DT)(DG)(DA)(DG)(DC)(DA)(DA)(DA)(DA)(DC)(DC)(DC)(DC)(DC)(DC)(DT)(DA)(DA)(DT)
(DC)(DC)(DT)(DT)(DC)(DT)(DC)(DT)(DT)(DG)(DA)(DG)(DG)(DA)(DG)(DT)(DC)(DT)(DC)(DA)
(DG)(DC)(DC)(DT)(DC)(DT)(DT)(DA)(DA)(DT)(DA)(DC)(DT)(DT)(DT)(DC)(DA)(DT)(DG)(DT)
(DT)(DT)(DC)(DA)(DG)(DA)(DA)(DT)(DA)(DA)(DT)(DA)(DG)(DG)(DT)(DT)(DC)(DC)(DG)(DA)
(DA)(DA)(DT)(DA)(DG)(DG)(DC)(DA)(DG)(DG)(DG)(DG)(DG)(DC)(DA)(DT)(DT)(DA)(DA)(DC)
(DT)(DG)(DT)(DT)(DT)(DA)(DT)(DA)(DC)(DG)(DG)(DG)(DC)(DA)(DC)(DT)(DG)(DT)(DT)(DA)
(DC)(DT)(DC)(DA)(DA)(DG)(DG)(DC)(DA)(DC)(DT)(DG)(DA)(DC)(DC)(DC)(DC)(DG)(DT)(DT)
(DA)(DA)(DA)(DA)(DC)(DT)(DT)(DA)(DT)(DT)(DA)(DC)(DC)(DA)(DG)(DT)(DA)(DC)(DA)(DC)
(DT)(DC)(DC)(DT)(DG)(DT)(DA)(DT)(DC)(DA)(DT)(DC)(DA)(DA)(DA)(DA)(DG)(DC)(DC)(DA)
(DT)(DG)(DT)(DA)(DT)(DG)(DA)(DC)(DG)(DC)(DT)(DT)(DA)(DC)(DT)(DG)(DG)(DA)(DA)(DC)
(DG)(DG)(DT)(DA)(DA)(DA)(DT)(DT)(DC)(DA)(DG)(DA)(DG)(DA)(DC)(DT)(DG)(DC)(DG)(DC)
(DT)(DT)(DT)(DC)(DC)(DA)(DT)(DT)(DC)(DT)(DG)(DG)(DC)(DT)(DT)(DT)(DA)(DA)(DT)(DG)
(DA)(DG)(DG)(DA)(DT)(DT)(DT)(DA)(DT)(DT)(DA)(DA)(DA)(DT)(DT)(DG)(DT)(DG)(DA)(DA)
(DT)(DA)(DT)(DC)(DA)(DA)(DG)(DG)(DC)(DC)(DA)(DA)(DT)(DC)(DG)(DT)(DC)(DT)(DG)(DA)
(DC)(DC)(DT)(DG)(DC)(DC)(DT)(DC)(DA)(DA)(DC)(DC)(DT)(DC)(DC)(DT)(DG)(DT)(DC)(DA)
(DA)(DT)(DG)(DC)(DT)(DG)(DG)(DC)(DG)(DG)(DC)(DG)(DG)(DC)(DT)(DC)(DT)(DG)(DG)(DT)
(DG)(DG)(DT)(DG)(DG)(DT)(DT)(DC)(DT)(DG)(DG)(DT)(DG)(DG)(DC)(DG)(DG)(DC)(DT)(DC)
(DT)(DG)(DA)(DG)(DG)(DG)(DT)(DG)(DG)(DT)(DG)(DG)(DC)(DT)(DC)(DT)(DG)(DA)(DG)(DG)
(DG)(DT)(DG)(DG)(DC)(DG)(DG)(DT)(DT)(DC)(DT)(DG)(DA)(DG)(DG)(DG)(DT)(DG)(DG)(DC)
(DG)(DG)(DC)(DT)(DC)(DT)(DG)(DA)(DG)(DG)(DG)(DA)(DG)(DG)(DC)(DG)(DG)(DT)(DT)(DC)
(DC)(DG)(DG)(DT)(DG)(DG)(DT)(DG)(DG)(DC)(DT)(DC)(DT)(DG)(DG)(DT)(DT)(DC)(DC)(DG)
(DG)(DT)(DG)(DA)(DT)(DT)(DT)(DT)(DG)(DA)(DT)(DT)(DA)(DT)(DG)(DA)(DA)(DA)(DA)(DG)
(DA)(DT)(DG)(DG)(DC)(DA)(DA)(DA)(DC)(DG)(DC)(DT)(DA)(DA)(DT)(DA)(DA)(DG)(DG)(DG)
(DG)(DG)(DC)(DT)(DA)(DT)(DG)(DA)(DC)(DC)(DG)(DA)(DA)(DA)(DA)(DT)(DG)(DC)(DC)(DG)
(DA)(DT)(DG)(DA)(DA)(DA)(DA)(DC)(DG)(DC)(DG)(DC)(DT)(DA)(DC)(DA)(DG)(DT)(DC)(DT)
(DG)(DA)(DC)(DG)(DC)(DT)(DA)(DA)(DA)(DG)(DG)(DC)(DA)(DA)(DA)(DC)(DT)(DT)(DG)(DA)
(DT)(DT)(DC)(DT)(DG)(DT)(DC)(DG)(DC)(DT)(DA)(DC)(DT)(DG)(DA)(DT)(DT)(DA)(DC)(DG)
(DG)(DT)(DG)(DC)(DT)(DG)(DC)(DT)(DA)(DT)(DC)(DG)(DA)(DT)(DG)(DG)(DT)(DT)(DT)(DC)
(DA)(DT)(DT)(DG)(DG)(DT)(DG)(DA)(DC)(DG)(DT)(DT)(DT)(DC)(DC)(DG)(DG)(DC)(DC)(DT)
(DT)(DG)(DC)(DT)(DA)(DA)(DT)(DG)(DG)(DT)(DA)(DA)(DT)(DG)(DG)(DT)(DG)(DC)(DT)(DA)
(DC)(DT)(DG)(DG)(DT)(DG)(DA)(DT)(DT)(DT)(DT)(DG)(DC)(DT)(DG)(DG)(DC)(DT)(DC)(DT)
(DA)(DA)(DT)(DT)(DC)(DC)(DC)(DA)(DA)(DA)(DT)(DG)(DG)(DC)(DT)(DC)(DA)(DA)(DG)(DT)
(DC)(DG)(DG)(DT)(DG)(DA)(DC)(DG)(DG)(DT)(DG)(DA)(DT)(DA)(DA)(DT)(DT)(DC)(DA)(DC)
(DC)(DT)(DT)(DT)(DA)(DA)(DT)(DG)(DA)(DA)(DT)(DA)(DA)(DT)(DT)(DT)(DC)(DC)(DG)(DT)
(DC)(DA)(DA)(DT)(DA)(DT)(DT)(DT)(DA)(DC)(DC)(DT)(DT)(DC)(DC)(DC)(DT)(DC)(DC)(DC)
(DT)(DC)(DA)(DA)(DT)(DC)(DG)(DG)(DT)(DT)(DG)(DA)(DA)(DT)(DG)(DT)(DC)(DG)(DC)(DC)
(DC)(DT)(DT)(DT)(DT)(DG)(DT)(DC)(DT)(DT)(DT)(DG)(DG)(DC)(DG)(DC)(DT)(DG)(DG)(DT)
(DA)(DA)(DA)(DC)(DC)(DA)(DT)(DA)(DT)(DG)(DA)(DA)(DT)(DT)(DT)(DT)(DC)(DT)(DA)(DT)
(DT)(DG)(DA)(DT)(DT)(DG)(DT)(DG)(DA)(DC)(DA)(DA)(DA)(DA)(DT)(DA)(DA)(DA)(DC)(DT)
(DT)(DA)(DT)(DT)(DC)(DC)(DG)(DT)(DG)(DG)(DT)(DG)(DT)(DC)(DT)(DT)(DT)(DG)(DC)(DG)
(DT)(DT)(DT)(DC)(DT)(DA)(DA)(DA)(DA)(DT)(DA)(DT)(DG)(DT)(DT)(DG)(DC)(DC)(DA)(DC)
(DC)(DT)(DT)(DT)(DA)(DT)(DG)(DT)(DA)(DT)(DG)(DT)(DA)(DT)(DT)(DT)(DT)(DC)(DT)(DA)
(DC)(DG)(DT)(DT)(DT)(DG)(DC)(DT)(DA)(DA)(DC)(DA)(DT)(DA)(DC)(DT)(DG)(DC)(DG)(DT)
(DA)(DA)(DT)(DA)(DA)(DG)(DG)(DA)(DG)(DT)(DC)(DT)(DT)(DA)(DA)(DT)(DC)(DA)(DT)(DG)
(DC)(DC)(DA)(DG)(DT)(DT)(DC)(DT)(DT)(DT)(DT)(DG)(DG)(DG)(DT)(DA)(DT)(DT)(DC)(DC)
(DG)(DT)(DT)(DA)(DT)(DT)
;
3N
101 'polydeoxyribonucleotide'
;(DG)(DG)(DC)(DG)(DA)(DA)(DA)(DG)(DG)(DG)(DG)(DG)(DA)(DT)(DG)(DT)(DC)(DG)(DC)(DT)
(DA)(DT)(DT)(DA)(DA)(DA)(DC)(DG)(DA)(DG)(DG)(DG)(DA)(DG)(DG)(DG)(DG)(DA)(DC)(DG)
;
3A
102 'polydeoxyribonucleotide'
;(DG)(DC)(DT)(DG)(DC)(DA)(DA)(DG)(DA)(DT)(DA)(DC)(DA)(DC)(DT)(DA)(DC)(DA)(DA)(DG)
(DC)(DG)(DC)(DG)(DC)(DG)(DA)(DT)(DA)(DG)(DC)(DA)(DG)(DC)(DC)(DT)(DT)(DT)(DA)(DG)
;
3B
103 'polydeoxyribonucleotide'
;(DG)(DC)(DG)(DA)(DT)(DT)(DA)(DA)(DG)(DT)(DA)(DC)(DC)(DG)(DA)(DG)(DC)(DT)(DC)(DG)
(DA)(DA)(DT)(DT)(DA)(DA)(DT)(DT)(DG)(DT)(DT)(DA)(DC)(DC)(DG)(DA)(DA)(DC)(DT)(DG)
(DA)(DC)(DA)(DG)(DA)(DC)(DC)(DA)
;
3C
104 'polydeoxyribonucleotide'
;(DG)(DT)(DT)(DG)(DG)(DG)(DT)(DA)(DA)(DC)(DG)(DC)(DC)(DA)(DG)(DG)(DC)(DT)(DG)(DT)
(DT)(DG)(DG)(DG)(DG)(DG)(DA)(DC)(DT)(DA)(DA)(DA)(DG)(DG)(DG)(DC)(DG)(DC)(DA)(DT)
(DT)(DA)(DA)(DA)(DT)(DG)(DT)(DG)
;
3D
105 'polydeoxyribonucleotide'
;(DA)(DG)(DT)(DC)(DA)(DC)(DG)(DA)(DA)(DT)(DG)(DC)(DC)(DT)(DG)(DC)(DA)(DG)(DG)(DT)
(DC)(DG)(DA)(DC)(DA)(DC)(DG)(DA)(DG)(DC)(DC)(DG)(DG)(DA)(DA)(DC)(DG)(DA)(DG)(DG)
(DT)(DC)(DA)(DA)(DG)(DA)(DG)(DT)
;
3E
106 'polydeoxyribonucleotide'
;(DC)(DT)(DA)(DA)(DC)(DT)(DC)(DA)(DC)(DA)(DT)(DT)(DA)(DA)(DT)(DT)(DG)(DG)(DG)(DC)
(DG)(DC)(DC)(DA)(DC)(DT)(DG)(DC)(DT)(DC)(DA)(DT)(DT)(DC)(DC)(DC)(DT)(DT)(DA)(DT)
(DA)(DG)(DT)(DC)(DC)(DA)(DC)(DT)(DA)(DT)(DT)(DA)(DA)(DA)(DG)(DA)
;
3F
107 'polydeoxyribonucleotide' (DG)(DT)(DG)(DC)(DC)(DT)(DA)(DA)(DG)(DG)(DA)(DT)(DA)(DT)(DT)(DC) 3G
108 'polydeoxyribonucleotide'
;(DG)(DC)(DT)(DG)(DT)(DT)(DT)(DC)(DC)(DT)(DG)(DT)(DG)(DT)(DG)(DA)(DC)(DG)(DT)(DA)
(DA)(DT)(DC)(DA)(DG)(DA)(DT)(DT)(DA)(DT)(DA)(DC)(DA)(DA)(DA)(DC)(DA)(DC)(DT)(DC)
(DC)(DC)(DA)(DG)(DC)(DA)(DA)(DA)(DA)(DG)(DC)(DA)(DT)(DC)(DG)(DG)
;
3H
109 'polydeoxyribonucleotide'
;(DC)(DG)(DC)(DC)(DT)(DG)(DG)(DC)(DC)(DC)(DT)(DG)(DC)(DG)(DG)(DC)(DA)(DA)(DA)(DA)
(DT)(DC)(DA)(DG)(DT)(DG)(DA)(DA)(DC)(DA)(DT)(DT)(DG)(DT)(DG)(DA)
;
3I
110 'polydeoxyribonucleotide'
;(DA)(DG)(DA)(DC)(DG)(DG)(DG)(DC)(DC)(DC)(DG)(DA)(DG)(DA)(DT)(DA)(DA)(DT)(DT)(DA)
(DC)(DC)(DC)(DA)(DT)(DG)(DG)(DC)(DT)(DC)(DA)(DT)(DT)(DA)(DT)
;
3J
111 'polydeoxyribonucleotide'
;(DC)(DT)(DG)(DC)(DA)(DT)(DT)(DA)(DA)(DT)(DG)(DA)(DA)(DT)(DC)(DG)(DA)(DA)(DA)(DC)
(DC)(DT)(DG)(DT)(DA)(DA)(DC)(DG)(DG)(DT)(DG)(DT)
;
3S
112 'polydeoxyribonucleotide'
;(DG)(DC)(DC)(DA)(DA)(DC)(DG)(DC)(DG)(DA)(DG)(DA)(DA)(DA)(DC)(DA)(DC)(DC)(DT)(DG)
(DT)(DT)(DT)(DG)(DC)(DA)(DA)(DA)(DG)(DG)(DG)(DC)(DG)(DA)(DA)(DA)(DA)(DA)(DC)(DC)
(DT)(DT)(DT)(DA)(DG)(DG)(DA)(DA)
;
3K
113 'polydeoxyribonucleotide'
;(DG)(DC)(DG)(DG)(DG)(DG)(DA)(DG)(DG)(DC)(DA)(DG)(DC)(DA)(DA)(DG)(DC)(DG)(DG)(DT)
(DC)(DC)(DA)(DC)(DG)(DC)(DT)(DG)(DG)(DT)(DT)(DT)(DG)(DC)(DC)(DC)(DC)
;
3L
114 'polydeoxyribonucleotide'
;(DT)(DG)(DC)(DG)(DT)(DA)(DT)(DT)(DG)(DC)(DG)(DT)(DT)(DG)(DC)(DG)(DG)(DA)(DC)(DC)
(DT)(DT)(DC)(DA)(DC)(DG)(DC)(DA)(DG)(DA)(DC)(DG)(DG)(DT)(DT)(DT)(DT)(DC)(DA)(DT)
(DA)(DA)(DA)(DA)(DA)(DA)(DA)(DA)(DA)(DA)(DA)(DA)(DC)(DA)(DG)
;
3M
115 'polydeoxyribonucleotide'
;(DG)(DG)(DA)(DA)(DC)(DA)(DA)(DG)(DA)(DA)(DA)(DT)(DC)(DA)(DA)(DA)(DA)(DG)(DA)(DA)
(DT)(DA)(DG)(DC)(DA)(DA)(DC)(DA)(DG)(DC)(DT)(DG)(DT)(DT)(DT)(DC)(DT)(DT)(DT)(DT)
(DC)(DA)(DC)(DC)(DA)(DG)(DT)(DG)
;
3O
116 'polydeoxyribonucleotide'
;(DT)(DT)(DG)(DA)(DG)(DT)(DG)(DT)(DT)(DG)(DT)(DA)(DG)(DA)(DG)(DC)(DA)(DA)(DC)(DA)
(DG)(DT)(DC)(DA)(DG)(DG)(DA)(DG)(DA)(DT)(DA)(DT)(DT)(DC)(DA)(DC)(DA)(DA)
;
3P
117 'polydeoxyribonucleotide'
;(DA)(DG)(DC)(DA)(DG)(DG)(DC)(DG)(DA)(DA)(DA)(DA)(DT)(DC)(DC)(DA)(DG)(DA)(DA)(DC)
(DG)(DA)(DG)(DT)(DA)(DG)
;
3Q
118 'polydeoxyribonucleotide'
;(DA)(DT)(DG)(DG)(DT)(DG)(DG)(DT)(DT)(DC)(DC)(DG)(DA)(DA)(DA)(DT)(DA)(DG)(DA)(DG)
(DA)(DG)(DT)(DT)(DA)(DG)(DG)(DC)(DG)(DG)(DT)(DT)
;
3R
#
loop_
_chem_comp.id
_chem_comp.type
_chem_comp.name
_chem_comp.formula
DA DNA linking 2'-DEOXYADENOSINE-5'-MONOPHOSPHATE 'C10 H14 N5 O6 P'
DC DNA linking 2'-DEOXYCYTIDINE-5'-MONOPHOSPHATE 'C9 H14 N3 O7 P'
DG DNA linking 2'-DEOXYGUANOSINE-5'-MONOPHOSPHATE 'C10 H14 N5 O7 P'
DT DNA linking THYMIDINE-5'-MONOPHOSPHATE 'C10 H15 N2 O8 P'
#